data_8Q5R
#
_entry.id   8Q5R
#
_cell.length_a   149.779
_cell.length_b   35.755
_cell.length_c   61.289
_cell.angle_alpha   90.000
_cell.angle_beta   92.070
_cell.angle_gamma   90.000
#
_symmetry.space_group_name_H-M   'C 1 2 1'
#
loop_
_entity.id
_entity.type
_entity.pdbx_description
1 polymer Interleukin-33
2 polymer 'Alarmin release inhibitor'
3 non-polymer 1,2-ETHANEDIOL
4 non-polymer 'CHLORIDE ION'
5 water water
#
loop_
_entity_poly.entity_id
_entity_poly.type
_entity_poly.pdbx_seq_one_letter_code
_entity_poly.pdbx_strand_id
1 'polypeptide(L)'
;SIQGTSLLTQSPASLSTYNDQSVSFVLENGCYVINVDDSGKDQEQDQVLLRYYESPCPASQSGDGVDGKKVMVNMSPIKD
TDIWLHANDKDYSVELQRGDVSPPEQAFFVLHKKSSDFVSFECKNLPGTYIGVKDNQLALVEEKDESCNNIMFKLSKI
;
A
2 'polypeptide(L)'
;AGQRCRFTDVERDKGYTGMLLKGRLRKTAGNGRTVELICGRGNHQYTCESGVLKESSPRQARCGCKGILEMLFDMPKEER
PSPMYDSVTYDPTPNTPTTVGKDGIWNGVDYRQGSTVKPYCDTGPVIQGSSKAVCVSGKWVPTLGVCPKMCSIGSLKENG
KFVDVTATTKGDELNPPPREQTLIPIVRKVDKDKVQHGVKVVALCKAEDSTTAAEGVQEFECDNGKWKPEPVPCPEP
;
B
#
loop_
_chem_comp.id
_chem_comp.type
_chem_comp.name
_chem_comp.formula
CL non-polymer 'CHLORIDE ION' 'Cl -1'
EDO non-polymer 1,2-ETHANEDIOL 'C2 H6 O2'
#
# COMPACT_ATOMS: atom_id res chain seq x y z
N GLN A 3 -19.62 16.88 -9.14
CA GLN A 3 -18.44 16.04 -9.03
C GLN A 3 -18.81 14.56 -9.02
N GLY A 4 -17.97 13.73 -9.61
CA GLY A 4 -18.14 12.31 -9.52
C GLY A 4 -17.63 11.74 -8.21
N THR A 5 -17.93 10.47 -7.98
CA THR A 5 -17.45 9.80 -6.77
C THR A 5 -15.97 9.49 -6.92
N SER A 6 -15.19 9.85 -5.89
CA SER A 6 -13.75 9.63 -5.91
C SER A 6 -13.42 8.16 -5.68
N LEU A 7 -12.39 7.68 -6.38
CA LEU A 7 -11.92 6.32 -6.21
C LEU A 7 -11.33 6.13 -4.82
N LEU A 8 -11.33 4.88 -4.36
CA LEU A 8 -10.81 4.53 -3.04
C LEU A 8 -9.69 3.52 -3.20
N THR A 9 -8.54 3.82 -2.58
CA THR A 9 -7.34 3.00 -2.70
C THR A 9 -6.91 2.51 -1.32
N GLN A 10 -6.33 1.31 -1.28
CA GLN A 10 -5.80 0.77 -0.04
C GLN A 10 -4.42 0.19 -0.28
N SER A 11 -3.55 0.34 0.73
CA SER A 11 -2.16 -0.13 0.65
C SER A 11 -1.67 -0.49 2.04
N PRO A 12 -0.90 -1.56 2.18
CA PRO A 12 -0.24 -1.82 3.47
C PRO A 12 1.04 -1.02 3.60
N ALA A 13 1.39 -0.69 4.83
CA ALA A 13 2.60 0.08 5.10
C ALA A 13 3.01 -0.07 6.55
N SER A 14 4.29 0.18 6.80
CA SER A 14 4.82 0.25 8.16
C SER A 14 4.86 1.71 8.60
N LEU A 15 4.29 1.98 9.78
CA LEU A 15 4.16 3.35 10.28
C LEU A 15 5.18 3.59 11.38
N SER A 16 5.98 4.64 11.24
CA SER A 16 7.01 5.00 12.20
C SER A 16 7.04 6.50 12.40
N THR A 17 7.70 6.93 13.48
CA THR A 17 7.77 8.33 13.85
C THR A 17 8.97 8.98 13.15
N TYR A 18 9.19 10.27 13.45
CA TYR A 18 10.32 10.99 12.88
C TYR A 18 11.64 10.41 13.37
N ASN A 19 11.74 10.15 14.68
CA ASN A 19 12.96 9.57 15.25
C ASN A 19 13.02 8.06 15.08
N ASP A 20 12.30 7.53 14.09
CA ASP A 20 12.39 6.13 13.69
C ASP A 20 11.98 5.18 14.81
N GLN A 21 10.89 5.52 15.51
CA GLN A 21 10.27 4.62 16.45
C GLN A 21 9.03 4.00 15.81
N SER A 22 8.82 2.72 16.09
CA SER A 22 7.70 1.99 15.51
C SER A 22 6.40 2.36 16.20
N VAL A 23 5.38 2.61 15.39
CA VAL A 23 4.00 2.66 15.86
C VAL A 23 3.45 1.24 15.78
N SER A 24 3.21 0.64 16.94
CA SER A 24 2.84 -0.76 17.02
C SER A 24 1.52 -0.90 17.77
N PHE A 25 0.98 -2.11 17.75
CA PHE A 25 -0.31 -2.42 18.32
C PHE A 25 -0.19 -3.66 19.18
N VAL A 26 -0.66 -3.57 20.42
CA VAL A 26 -0.54 -4.65 21.40
C VAL A 26 -1.87 -4.85 22.10
N LEU A 27 -2.21 -6.10 22.36
CA LEU A 27 -3.40 -6.41 23.13
C LEU A 27 -3.19 -6.00 24.59
N GLU A 28 -4.06 -5.13 25.08
CA GLU A 28 -4.02 -4.66 26.46
C GLU A 28 -5.40 -4.87 27.07
N ASN A 29 -5.51 -5.84 27.97
CA ASN A 29 -6.76 -6.17 28.66
C ASN A 29 -7.89 -6.45 27.66
N GLY A 30 -7.54 -7.11 26.55
CA GLY A 30 -8.50 -7.62 25.60
C GLY A 30 -8.61 -6.81 24.31
N CYS A 31 -8.25 -5.53 24.35
CA CYS A 31 -8.37 -4.66 23.18
C CYS A 31 -7.01 -4.13 22.78
N TYR A 32 -6.87 -3.84 21.49
CA TYR A 32 -5.62 -3.30 20.97
C TYR A 32 -5.44 -1.85 21.40
N VAL A 33 -4.23 -1.52 21.85
CA VAL A 33 -3.81 -0.15 22.10
C VAL A 33 -2.61 0.15 21.21
N ILE A 34 -2.35 1.44 21.04
CA ILE A 34 -1.28 1.92 20.18
C ILE A 34 -0.09 2.27 21.07
N ASN A 35 1.05 1.63 20.82
CA ASN A 35 2.29 1.90 21.52
C ASN A 35 3.34 2.39 20.54
N VAL A 36 4.11 3.40 20.95
CA VAL A 36 5.26 3.88 20.20
C VAL A 36 6.48 3.20 20.80
N ASP A 37 7.04 2.25 20.04
CA ASP A 37 8.04 1.32 20.55
C ASP A 37 9.40 1.59 19.92
N ASP A 38 10.46 1.47 20.73
CA ASP A 38 11.84 1.55 20.27
C ASP A 38 12.65 0.43 20.90
N SER A 39 12.16 -0.80 20.78
CA SER A 39 12.87 -1.98 21.23
C SER A 39 13.45 -2.81 20.10
N GLY A 40 13.18 -2.43 18.85
CA GLY A 40 13.72 -3.13 17.71
C GLY A 40 13.01 -4.41 17.32
N LYS A 41 11.80 -4.64 17.84
CA LYS A 41 11.05 -5.83 17.48
C LYS A 41 10.68 -5.82 15.99
N ASP A 42 10.30 -6.99 15.49
CA ASP A 42 9.92 -7.10 14.09
C ASP A 42 8.63 -6.31 13.84
N GLN A 43 8.64 -5.49 12.79
CA GLN A 43 7.54 -4.60 12.50
C GLN A 43 6.57 -5.15 11.45
N GLU A 44 6.72 -6.42 11.05
CA GLU A 44 5.87 -6.98 10.01
C GLU A 44 4.43 -7.10 10.50
N GLN A 45 4.23 -7.67 11.69
CA GLN A 45 2.87 -7.84 12.21
C GLN A 45 2.23 -6.52 12.57
N ASP A 46 3.01 -5.46 12.78
CA ASP A 46 2.47 -4.17 13.21
C ASP A 46 2.28 -3.20 12.06
N GLN A 47 2.17 -3.70 10.83
CA GLN A 47 1.87 -2.83 9.70
C GLN A 47 0.46 -2.25 9.83
N VAL A 48 0.19 -1.23 9.03
CA VAL A 48 -1.14 -0.65 8.96
C VAL A 48 -1.70 -0.86 7.57
N LEU A 49 -3.02 -0.90 7.48
CA LEU A 49 -3.72 -0.88 6.21
C LEU A 49 -4.22 0.54 5.99
N LEU A 50 -3.70 1.20 4.96
CA LEU A 50 -4.14 2.55 4.61
C LEU A 50 -5.34 2.47 3.68
N ARG A 51 -6.31 3.33 3.92
CA ARG A 51 -7.42 3.57 3.00
C ARG A 51 -7.45 5.07 2.72
N TYR A 52 -7.37 5.45 1.45
CA TYR A 52 -7.23 6.86 1.14
C TYR A 52 -7.92 7.20 -0.18
N TYR A 53 -8.34 8.46 -0.29
CA TYR A 53 -9.01 8.97 -1.47
C TYR A 53 -8.83 10.49 -1.53
N GLU A 54 -9.04 11.04 -2.71
CA GLU A 54 -9.01 12.49 -2.90
C GLU A 54 -10.38 13.09 -2.63
N SER A 55 -10.39 14.24 -1.98
CA SER A 55 -11.62 14.97 -1.72
C SER A 55 -11.46 16.40 -2.24
N PRO A 56 -12.39 16.89 -3.04
CA PRO A 56 -12.30 18.29 -3.51
C PRO A 56 -12.32 19.26 -2.35
N CYS A 57 -11.41 20.24 -2.41
CA CYS A 57 -11.27 21.24 -1.37
C CYS A 57 -11.36 22.63 -1.98
N PRO A 58 -12.18 23.52 -1.42
CA PRO A 58 -12.40 24.87 -1.96
C PRO A 58 -11.18 25.78 -1.78
N LYS A 69 -8.51 17.81 -3.83
CA LYS A 69 -7.42 18.69 -3.46
C LYS A 69 -6.80 18.26 -2.15
N LYS A 70 -7.59 17.62 -1.30
CA LYS A 70 -7.15 17.06 -0.03
C LYS A 70 -7.11 15.54 -0.12
N VAL A 71 -6.07 14.95 0.44
CA VAL A 71 -5.94 13.50 0.53
C VAL A 71 -6.42 13.06 1.91
N MET A 72 -7.51 12.30 1.93
CA MET A 72 -8.05 11.75 3.16
C MET A 72 -7.48 10.35 3.36
N VAL A 73 -7.00 10.05 4.58
CA VAL A 73 -6.36 8.77 4.85
C VAL A 73 -6.92 8.16 6.13
N ASN A 74 -7.27 6.88 6.06
CA ASN A 74 -7.76 6.08 7.18
C ASN A 74 -6.76 4.95 7.43
N MET A 75 -6.58 4.58 8.69
CA MET A 75 -5.51 3.67 9.06
C MET A 75 -6.02 2.61 10.03
N SER A 76 -5.80 1.34 9.68
CA SER A 76 -6.15 0.18 10.47
C SER A 76 -4.91 -0.68 10.72
N PRO A 77 -4.76 -1.25 11.92
CA PRO A 77 -3.73 -2.29 12.09
C PRO A 77 -4.12 -3.52 11.28
N ILE A 78 -3.13 -4.14 10.62
CA ILE A 78 -3.41 -5.37 9.91
C ILE A 78 -3.79 -6.48 10.88
N LYS A 79 -3.49 -6.31 12.17
CA LYS A 79 -3.93 -7.27 13.18
C LYS A 79 -5.45 -7.29 13.32
N ASP A 80 -6.12 -6.17 13.00
CA ASP A 80 -7.59 -6.12 13.02
C ASP A 80 -8.00 -4.97 12.10
N THR A 81 -8.28 -5.29 10.85
CA THR A 81 -8.68 -4.29 9.86
C THR A 81 -10.10 -3.80 10.04
N ASP A 82 -10.81 -4.28 11.06
CA ASP A 82 -12.14 -3.77 11.39
C ASP A 82 -12.10 -2.57 12.33
N ILE A 83 -10.93 -2.22 12.85
CA ILE A 83 -10.78 -1.05 13.72
C ILE A 83 -9.78 -0.11 13.07
N TRP A 84 -9.83 1.15 13.49
CA TRP A 84 -9.00 2.18 12.87
C TRP A 84 -8.72 3.32 13.83
N LEU A 85 -7.64 4.04 13.55
CA LEU A 85 -7.30 5.23 14.32
C LEU A 85 -8.42 6.26 14.20
N HIS A 86 -8.73 6.90 15.32
CA HIS A 86 -9.83 7.85 15.39
C HIS A 86 -9.46 8.95 16.37
N ALA A 87 -9.78 10.18 16.02
CA ALA A 87 -9.52 11.34 16.86
C ALA A 87 -10.70 11.54 17.80
N ASN A 88 -10.45 11.41 19.10
CA ASN A 88 -11.48 11.59 20.12
C ASN A 88 -11.44 13.04 20.60
N ASP A 89 -12.43 13.83 20.21
CA ASP A 89 -12.46 15.23 20.59
C ASP A 89 -12.94 15.45 22.02
N LYS A 90 -13.61 14.46 22.61
CA LYS A 90 -14.05 14.58 24.00
C LYS A 90 -12.96 14.23 25.00
N ASP A 91 -11.87 13.60 24.56
CA ASP A 91 -10.72 13.31 25.41
C ASP A 91 -9.43 13.91 24.86
N TYR A 92 -9.47 14.47 23.64
CA TYR A 92 -8.28 14.99 22.97
C TYR A 92 -7.19 13.92 22.87
N SER A 93 -7.61 12.74 22.44
CA SER A 93 -6.76 11.57 22.39
C SER A 93 -6.93 10.86 21.06
N VAL A 94 -6.02 9.92 20.80
CA VAL A 94 -6.09 9.05 19.63
C VAL A 94 -6.43 7.65 20.13
N GLU A 95 -7.45 7.05 19.53
CA GLU A 95 -7.95 5.75 19.96
C GLU A 95 -8.25 4.91 18.74
N LEU A 96 -8.48 3.62 18.98
CA LEU A 96 -8.96 2.71 17.95
C LEU A 96 -10.46 2.53 18.11
N GLN A 97 -11.18 2.57 16.99
CA GLN A 97 -12.63 2.43 16.99
C GLN A 97 -13.03 1.36 15.97
N ARG A 98 -14.07 0.61 16.32
CA ARG A 98 -14.57 -0.45 15.48
C ARG A 98 -15.77 0.04 14.67
N GLY A 99 -15.92 -0.49 13.45
CA GLY A 99 -16.89 0.00 12.50
C GLY A 99 -18.33 -0.30 12.84
N ASP A 100 -18.60 -1.14 13.84
CA ASP A 100 -19.97 -1.37 14.26
C ASP A 100 -20.48 -0.29 15.20
N VAL A 101 -19.68 0.75 15.45
CA VAL A 101 -20.06 1.83 16.36
C VAL A 101 -19.68 3.17 15.75
N SER A 102 -18.40 3.33 15.40
CA SER A 102 -17.91 4.61 14.87
C SER A 102 -18.12 4.67 13.35
N PRO A 103 -18.59 5.82 12.84
CA PRO A 103 -18.83 5.94 11.41
C PRO A 103 -17.52 6.06 10.65
N PRO A 104 -17.44 5.48 9.45
CA PRO A 104 -16.16 5.51 8.72
C PRO A 104 -15.80 6.88 8.19
N GLU A 105 -16.78 7.71 7.84
CA GLU A 105 -16.47 9.03 7.30
C GLU A 105 -15.71 9.87 8.31
N GLN A 106 -15.96 9.67 9.60
CA GLN A 106 -15.25 10.38 10.65
C GLN A 106 -13.89 9.77 10.97
N ALA A 107 -13.40 8.85 10.13
CA ALA A 107 -12.19 8.09 10.44
C ALA A 107 -11.05 8.39 9.48
N PHE A 108 -11.12 9.50 8.76
CA PHE A 108 -10.09 9.89 7.80
C PHE A 108 -9.41 11.16 8.26
N PHE A 109 -8.08 11.15 8.26
CA PHE A 109 -7.29 12.34 8.53
C PHE A 109 -6.89 13.01 7.22
N VAL A 110 -6.57 14.29 7.30
CA VAL A 110 -6.11 15.04 6.15
C VAL A 110 -4.59 14.92 6.08
N LEU A 111 -4.09 14.34 4.99
CA LEU A 111 -2.65 14.14 4.85
C LEU A 111 -1.96 15.44 4.47
N HIS A 112 -0.84 15.71 5.12
CA HIS A 112 0.06 16.78 4.73
C HIS A 112 1.44 16.20 4.50
N LYS A 113 2.00 16.44 3.32
CA LYS A 113 3.32 15.95 2.97
C LYS A 113 4.38 16.93 3.46
N LYS A 114 5.40 16.38 4.12
CA LYS A 114 6.51 17.15 4.64
C LYS A 114 7.79 16.79 3.86
N SER A 115 8.91 17.33 4.32
CA SER A 115 10.20 17.05 3.68
C SER A 115 10.64 15.61 3.96
N SER A 116 11.46 15.08 3.05
CA SER A 116 12.14 13.80 3.25
C SER A 116 11.16 12.65 3.42
N ASP A 117 10.06 12.69 2.67
CA ASP A 117 9.03 11.66 2.62
C ASP A 117 8.24 11.53 3.92
N PHE A 118 8.36 12.48 4.83
CA PHE A 118 7.56 12.45 6.05
C PHE A 118 6.19 13.08 5.78
N VAL A 119 5.20 12.66 6.58
CA VAL A 119 3.84 13.13 6.44
C VAL A 119 3.28 13.48 7.82
N SER A 120 2.18 14.24 7.81
N SER A 120 2.17 14.22 7.80
CA SER A 120 1.43 14.55 9.01
CA SER A 120 1.44 14.55 9.02
C SER A 120 -0.05 14.29 8.76
C SER A 120 -0.05 14.34 8.77
N PHE A 121 -0.78 14.05 9.85
CA PHE A 121 -2.21 13.74 9.78
C PHE A 121 -3.00 14.77 10.58
N GLU A 122 -3.80 15.55 9.88
CA GLU A 122 -4.62 16.59 10.50
C GLU A 122 -6.05 16.07 10.69
N CYS A 123 -6.63 16.38 11.85
CA CYS A 123 -8.01 16.04 12.12
C CYS A 123 -8.92 16.78 11.15
N LYS A 124 -9.88 16.04 10.57
CA LYS A 124 -10.78 16.66 9.59
C LYS A 124 -11.62 17.76 10.21
N ASN A 125 -12.06 17.57 11.45
CA ASN A 125 -12.98 18.48 12.10
C ASN A 125 -12.30 19.45 13.06
N LEU A 126 -11.02 19.22 13.39
CA LEU A 126 -10.27 20.07 14.31
C LEU A 126 -9.06 20.65 13.58
N PRO A 127 -9.28 21.66 12.74
CA PRO A 127 -8.17 22.20 11.94
C PRO A 127 -7.03 22.69 12.82
N GLY A 128 -5.80 22.41 12.38
CA GLY A 128 -4.62 22.72 13.17
C GLY A 128 -4.28 21.69 14.23
N THR A 129 -5.15 20.73 14.48
CA THR A 129 -4.89 19.65 15.43
C THR A 129 -4.44 18.41 14.68
N TYR A 130 -3.34 17.80 15.14
CA TYR A 130 -2.67 16.73 14.41
C TYR A 130 -2.45 15.54 15.32
N ILE A 131 -2.21 14.39 14.69
CA ILE A 131 -1.65 13.25 15.41
C ILE A 131 -0.23 13.59 15.81
N GLY A 132 0.10 13.37 17.09
CA GLY A 132 1.42 13.63 17.60
C GLY A 132 1.85 12.52 18.55
N VAL A 133 3.06 12.66 19.08
CA VAL A 133 3.64 11.69 19.99
C VAL A 133 3.85 12.33 21.34
N LYS A 134 3.31 11.71 22.38
CA LYS A 134 3.51 12.13 23.76
C LYS A 134 3.65 10.88 24.64
N ASP A 135 4.81 10.74 25.29
CA ASP A 135 5.04 9.69 26.29
C ASP A 135 4.80 8.30 25.71
N ASN A 136 5.47 8.01 24.59
CA ASN A 136 5.37 6.72 23.92
C ASN A 136 3.92 6.35 23.57
N GLN A 137 3.10 7.37 23.31
CA GLN A 137 1.74 7.18 22.86
C GLN A 137 1.41 8.20 21.78
N LEU A 138 0.41 7.90 20.98
CA LEU A 138 -0.14 8.87 20.04
C LEU A 138 -1.14 9.76 20.75
N ALA A 139 -1.07 11.06 20.47
CA ALA A 139 -1.98 12.03 21.06
C ALA A 139 -2.40 13.03 19.99
N LEU A 140 -3.39 13.84 20.31
CA LEU A 140 -3.75 15.00 19.52
C LEU A 140 -2.96 16.19 20.04
N VAL A 141 -2.36 16.96 19.12
CA VAL A 141 -1.54 18.11 19.48
C VAL A 141 -1.82 19.26 18.54
N GLU A 142 -1.51 20.46 19.00
CA GLU A 142 -1.61 21.66 18.18
C GLU A 142 -0.30 21.87 17.44
N GLU A 143 -0.39 22.12 16.13
CA GLU A 143 0.81 22.27 15.31
C GLU A 143 1.71 23.39 15.85
N LYS A 144 1.10 24.52 16.21
CA LYS A 144 1.89 25.66 16.70
C LYS A 144 2.53 25.37 18.05
N ASP A 145 1.89 24.56 18.89
CA ASP A 145 2.42 24.24 20.21
C ASP A 145 3.53 23.21 20.17
N GLU A 146 3.86 22.67 19.01
CA GLU A 146 4.85 21.61 18.89
C GLU A 146 5.90 21.98 17.87
N SER A 147 7.03 21.29 17.93
CA SER A 147 8.01 21.34 16.86
C SER A 147 7.48 20.57 15.65
N CYS A 148 8.12 20.79 14.51
CA CYS A 148 7.68 20.17 13.26
C CYS A 148 7.69 18.65 13.38
N ASN A 149 8.75 18.10 13.96
CA ASN A 149 8.96 16.65 13.96
C ASN A 149 7.98 15.92 14.88
N ASN A 150 7.32 16.62 15.80
CA ASN A 150 6.40 15.94 16.72
C ASN A 150 5.21 15.33 15.98
N ILE A 151 4.80 15.94 14.87
CA ILE A 151 3.65 15.47 14.10
C ILE A 151 4.08 14.79 12.80
N MET A 152 5.36 14.47 12.66
CA MET A 152 5.89 13.91 11.42
C MET A 152 6.07 12.41 11.56
N PHE A 153 5.50 11.67 10.60
CA PHE A 153 5.55 10.22 10.57
C PHE A 153 6.04 9.78 9.20
N LYS A 154 6.38 8.50 9.09
CA LYS A 154 6.87 7.96 7.83
C LYS A 154 6.19 6.63 7.56
N LEU A 155 5.70 6.46 6.32
CA LEU A 155 5.09 5.22 5.86
C LEU A 155 6.07 4.50 4.96
N SER A 156 6.38 3.26 5.30
CA SER A 156 7.40 2.49 4.60
C SER A 156 6.83 1.14 4.16
N LYS A 157 7.20 0.72 2.95
CA LYS A 157 6.78 -0.57 2.45
C LYS A 157 7.53 -1.68 3.16
N ILE A 158 6.86 -2.83 3.33
CA ILE A 158 7.44 -4.01 3.98
C ILE A 158 7.85 -3.72 5.41
N GLY B 64 -22.47 -7.00 -0.21
CA GLY B 64 -21.14 -6.43 -0.19
C GLY B 64 -20.03 -7.47 -0.24
N CYS B 65 -18.80 -7.02 -0.47
CA CYS B 65 -17.64 -7.91 -0.49
C CYS B 65 -16.59 -7.41 0.48
N LYS B 66 -16.00 -8.35 1.22
CA LYS B 66 -14.82 -8.01 2.01
C LYS B 66 -13.69 -7.59 1.08
N GLY B 67 -12.93 -6.60 1.50
CA GLY B 67 -11.88 -6.05 0.67
C GLY B 67 -10.75 -7.04 0.44
N ILE B 68 -10.02 -6.80 -0.65
CA ILE B 68 -8.95 -7.71 -1.05
C ILE B 68 -7.89 -7.80 0.04
N LEU B 69 -7.42 -6.66 0.52
CA LEU B 69 -6.37 -6.67 1.54
C LEU B 69 -6.89 -7.19 2.87
N GLU B 70 -8.15 -6.90 3.20
CA GLU B 70 -8.75 -7.43 4.43
C GLU B 70 -8.78 -8.96 4.41
N MET B 71 -9.17 -9.54 3.28
CA MET B 71 -9.15 -10.99 3.13
C MET B 71 -7.74 -11.54 3.34
N LEU B 72 -6.74 -10.87 2.76
CA LEU B 72 -5.37 -11.36 2.83
C LEU B 72 -4.81 -11.26 4.24
N PHE B 73 -5.07 -10.17 4.93
CA PHE B 73 -4.50 -10.00 6.27
C PHE B 73 -5.31 -10.69 7.35
N ASP B 74 -6.35 -11.44 6.97
CA ASP B 74 -7.03 -12.32 7.92
C ASP B 74 -6.33 -13.66 8.06
N MET B 75 -5.59 -14.08 7.04
CA MET B 75 -4.89 -15.35 7.07
C MET B 75 -3.46 -15.16 7.57
N PRO B 76 -2.80 -16.21 8.03
CA PRO B 76 -1.42 -16.08 8.51
C PRO B 76 -0.48 -15.65 7.39
N LYS B 77 0.63 -15.04 7.79
CA LYS B 77 1.59 -14.51 6.82
C LYS B 77 2.06 -15.59 5.84
N GLU B 78 2.20 -16.83 6.31
CA GLU B 78 2.67 -17.90 5.44
C GLU B 78 1.64 -18.31 4.39
N GLU B 79 0.37 -17.93 4.58
CA GLU B 79 -0.68 -18.28 3.65
C GLU B 79 -0.98 -17.17 2.63
N ARG B 80 -0.39 -15.99 2.80
CA ARG B 80 -0.62 -14.89 1.86
C ARG B 80 0.28 -15.05 0.63
N PRO B 81 -0.14 -14.52 -0.51
CA PRO B 81 0.74 -14.52 -1.68
C PRO B 81 1.93 -13.61 -1.47
N SER B 82 3.07 -14.01 -2.04
CA SER B 82 4.28 -13.21 -2.00
C SER B 82 4.81 -13.05 -3.42
N PRO B 83 5.13 -11.82 -3.85
CA PRO B 83 4.95 -10.59 -3.08
C PRO B 83 3.49 -10.16 -2.89
N MET B 84 3.30 -9.17 -2.03
CA MET B 84 1.99 -8.62 -1.70
C MET B 84 1.63 -7.49 -2.67
N TYR B 85 0.34 -7.30 -2.91
CA TYR B 85 -0.10 -6.15 -3.68
C TYR B 85 0.48 -4.87 -3.09
N ASP B 86 0.87 -3.94 -3.98
CA ASP B 86 1.34 -2.64 -3.56
C ASP B 86 0.19 -1.70 -3.24
N SER B 87 -0.83 -1.67 -4.09
CA SER B 87 -2.03 -0.90 -3.83
C SER B 87 -3.21 -1.63 -4.46
N VAL B 88 -4.41 -1.29 -3.99
CA VAL B 88 -5.66 -1.83 -4.49
C VAL B 88 -6.66 -0.68 -4.58
N THR B 89 -7.20 -0.45 -5.78
CA THR B 89 -8.09 0.68 -6.02
C THR B 89 -9.49 0.17 -6.36
N TYR B 90 -10.51 0.81 -5.80
CA TYR B 90 -11.89 0.40 -5.94
C TYR B 90 -12.64 1.45 -6.74
N ASP B 91 -13.29 1.02 -7.83
CA ASP B 91 -14.04 1.95 -8.67
C ASP B 91 -15.51 1.92 -8.28
N PRO B 92 -16.17 3.06 -8.11
CA PRO B 92 -17.59 3.04 -7.79
C PRO B 92 -18.44 2.80 -9.02
N THR B 93 -19.63 2.22 -8.78
CA THR B 93 -20.65 2.18 -9.79
C THR B 93 -21.18 3.60 -10.03
N PRO B 94 -21.77 3.86 -11.21
CA PRO B 94 -22.29 5.21 -11.46
C PRO B 94 -23.34 5.68 -10.47
N ASN B 95 -23.99 4.75 -9.77
CA ASN B 95 -25.04 5.10 -8.82
C ASN B 95 -24.51 5.35 -7.41
N THR B 96 -23.19 5.24 -7.20
CA THR B 96 -22.61 5.37 -5.87
C THR B 96 -22.39 6.84 -5.51
N PRO B 97 -23.11 7.36 -4.50
CA PRO B 97 -23.05 8.80 -4.21
C PRO B 97 -21.75 9.25 -3.54
N THR B 98 -21.31 8.55 -2.49
CA THR B 98 -20.14 8.96 -1.74
C THR B 98 -19.05 7.90 -1.85
N THR B 99 -17.82 8.32 -1.54
CA THR B 99 -16.69 7.40 -1.50
C THR B 99 -16.73 6.53 -0.25
N VAL B 100 -17.03 7.13 0.90
CA VAL B 100 -17.13 6.40 2.16
C VAL B 100 -18.45 6.79 2.82
N GLY B 101 -19.22 5.79 3.23
CA GLY B 101 -20.52 6.03 3.82
C GLY B 101 -21.39 4.79 3.73
N LYS B 102 -22.58 4.91 4.31
CA LYS B 102 -23.52 3.78 4.31
C LYS B 102 -23.87 3.34 2.90
N ASP B 103 -23.86 4.27 1.95
CA ASP B 103 -24.10 3.94 0.54
C ASP B 103 -22.87 4.20 -0.31
N GLY B 104 -21.68 4.27 0.31
CA GLY B 104 -20.46 4.53 -0.41
C GLY B 104 -19.75 3.25 -0.84
N ILE B 105 -18.60 3.46 -1.49
CA ILE B 105 -17.76 2.33 -1.90
C ILE B 105 -17.44 1.46 -0.69
N TRP B 106 -17.10 2.10 0.42
CA TRP B 106 -16.75 1.42 1.66
C TRP B 106 -17.59 1.99 2.79
N ASN B 107 -18.23 1.10 3.55
CA ASN B 107 -19.10 1.51 4.65
C ASN B 107 -18.51 1.18 6.01
N GLY B 108 -17.22 0.87 6.08
CA GLY B 108 -16.58 0.50 7.32
C GLY B 108 -16.61 -0.99 7.63
N VAL B 109 -17.50 -1.75 6.98
CA VAL B 109 -17.59 -3.18 7.17
C VAL B 109 -17.22 -3.95 5.90
N ASP B 110 -17.73 -3.53 4.75
CA ASP B 110 -17.44 -4.20 3.49
C ASP B 110 -17.56 -3.19 2.35
N TYR B 111 -17.42 -3.68 1.13
CA TYR B 111 -17.34 -2.83 -0.05
C TYR B 111 -18.54 -3.05 -0.95
N ARG B 112 -19.02 -1.99 -1.57
CA ARG B 112 -20.34 -1.98 -2.18
C ARG B 112 -20.42 -2.97 -3.34
N GLN B 113 -21.59 -3.60 -3.48
CA GLN B 113 -21.83 -4.53 -4.56
C GLN B 113 -21.68 -3.84 -5.91
N GLY B 114 -21.14 -4.56 -6.90
CA GLY B 114 -20.87 -4.00 -8.19
C GLY B 114 -19.62 -3.15 -8.28
N SER B 115 -18.93 -2.91 -7.16
CA SER B 115 -17.69 -2.16 -7.22
C SER B 115 -16.65 -2.95 -8.01
N THR B 116 -15.74 -2.21 -8.65
CA THR B 116 -14.68 -2.81 -9.43
C THR B 116 -13.35 -2.60 -8.71
N VAL B 117 -12.54 -3.66 -8.67
CA VAL B 117 -11.27 -3.66 -7.96
C VAL B 117 -10.15 -3.88 -8.96
N LYS B 118 -9.06 -3.14 -8.79
CA LYS B 118 -7.90 -3.24 -9.67
C LYS B 118 -6.62 -3.22 -8.84
N PRO B 119 -6.00 -4.37 -8.60
CA PRO B 119 -4.75 -4.39 -7.85
C PRO B 119 -3.58 -3.86 -8.67
N TYR B 120 -2.59 -3.34 -7.97
CA TYR B 120 -1.34 -2.91 -8.60
C TYR B 120 -0.17 -3.56 -7.90
N CYS B 121 0.70 -4.19 -8.68
CA CYS B 121 1.96 -4.74 -8.18
C CYS B 121 3.12 -3.96 -8.78
N ASP B 122 4.02 -3.48 -7.92
CA ASP B 122 5.22 -2.85 -8.46
C ASP B 122 6.19 -3.86 -9.04
N THR B 123 5.89 -5.16 -8.94
CA THR B 123 6.72 -6.21 -9.53
C THR B 123 6.26 -6.60 -10.93
N GLY B 124 5.11 -6.11 -11.37
CA GLY B 124 4.65 -6.36 -12.71
C GLY B 124 3.15 -6.57 -12.78
N PRO B 125 2.62 -6.76 -13.99
CA PRO B 125 1.19 -7.08 -14.11
C PRO B 125 0.89 -8.43 -13.48
N VAL B 126 -0.32 -8.54 -12.92
CA VAL B 126 -0.66 -9.72 -12.13
C VAL B 126 -0.70 -10.96 -13.03
N ILE B 127 -0.41 -12.11 -12.42
CA ILE B 127 -0.39 -13.38 -13.11
C ILE B 127 -1.38 -14.32 -12.44
N GLN B 128 -1.67 -15.42 -13.13
CA GLN B 128 -2.49 -16.52 -12.59
C GLN B 128 -3.90 -16.08 -12.24
N GLY B 129 -4.44 -15.10 -12.95
CA GLY B 129 -5.77 -14.62 -12.67
C GLY B 129 -6.07 -13.34 -13.44
N SER B 130 -7.23 -12.76 -13.16
CA SER B 130 -7.68 -11.56 -13.83
C SER B 130 -7.03 -10.31 -13.22
N SER B 131 -6.92 -9.27 -14.03
CA SER B 131 -6.36 -7.99 -13.59
C SER B 131 -7.37 -7.11 -12.87
N LYS B 132 -8.67 -7.34 -13.09
CA LYS B 132 -9.73 -6.61 -12.41
C LYS B 132 -10.84 -7.60 -12.05
N ALA B 133 -11.62 -7.25 -11.04
CA ALA B 133 -12.74 -8.08 -10.61
C ALA B 133 -13.88 -7.19 -10.13
N VAL B 134 -15.06 -7.78 -10.05
CA VAL B 134 -16.28 -7.06 -9.66
C VAL B 134 -16.85 -7.74 -8.44
N CYS B 135 -17.42 -6.94 -7.53
CA CYS B 135 -18.05 -7.49 -6.33
C CYS B 135 -19.43 -8.00 -6.69
N VAL B 136 -19.61 -9.31 -6.68
CA VAL B 136 -20.88 -9.95 -7.05
C VAL B 136 -21.15 -11.05 -6.05
N SER B 137 -22.23 -10.89 -5.27
CA SER B 137 -22.69 -11.92 -4.32
C SER B 137 -21.63 -12.22 -3.26
N GLY B 138 -21.06 -11.16 -2.69
CA GLY B 138 -20.05 -11.30 -1.67
C GLY B 138 -18.72 -11.83 -2.13
N LYS B 139 -18.55 -12.08 -3.42
CA LYS B 139 -17.31 -12.61 -3.96
C LYS B 139 -16.80 -11.72 -5.08
N TRP B 140 -15.48 -11.69 -5.24
CA TRP B 140 -14.85 -10.94 -6.32
C TRP B 140 -14.70 -11.87 -7.52
N VAL B 141 -15.34 -11.50 -8.63
CA VAL B 141 -15.33 -12.35 -9.82
C VAL B 141 -14.88 -11.52 -11.03
N PRO B 142 -14.03 -12.07 -11.90
CA PRO B 142 -13.43 -13.39 -11.71
C PRO B 142 -12.28 -13.36 -10.71
N THR B 143 -11.62 -14.50 -10.49
CA THR B 143 -10.54 -14.56 -9.52
C THR B 143 -9.40 -13.63 -9.92
N LEU B 144 -9.00 -12.77 -8.99
CA LEU B 144 -7.93 -11.82 -9.26
C LEU B 144 -6.59 -12.53 -9.38
N GLY B 145 -5.71 -11.97 -10.23
CA GLY B 145 -4.36 -12.44 -10.29
C GLY B 145 -3.53 -11.95 -9.12
N VAL B 146 -2.41 -12.63 -8.88
CA VAL B 146 -1.53 -12.31 -7.77
C VAL B 146 -0.27 -11.64 -8.33
N CYS B 147 0.52 -11.05 -7.44
CA CYS B 147 1.72 -10.36 -7.87
C CYS B 147 2.75 -11.35 -8.39
N PRO B 148 3.45 -11.02 -9.46
CA PRO B 148 4.53 -11.87 -9.96
C PRO B 148 5.84 -11.52 -9.29
N LYS B 149 6.83 -12.38 -9.50
CA LYS B 149 8.18 -12.11 -9.01
C LYS B 149 8.99 -11.38 -10.06
N MET B 150 9.94 -10.57 -9.60
CA MET B 150 10.85 -9.86 -10.50
C MET B 150 12.04 -10.75 -10.84
N CYS B 151 12.73 -10.37 -11.90
CA CYS B 151 13.94 -11.08 -12.33
C CYS B 151 15.17 -10.19 -12.11
N SER B 152 16.31 -10.84 -12.02
CA SER B 152 17.57 -10.18 -11.71
C SER B 152 18.42 -10.07 -12.97
N ILE B 153 18.79 -8.83 -13.33
CA ILE B 153 19.69 -8.60 -14.45
C ILE B 153 21.01 -9.32 -14.23
N GLY B 154 21.59 -9.15 -13.04
CA GLY B 154 22.88 -9.77 -12.75
C GLY B 154 22.84 -11.28 -12.84
N SER B 155 21.73 -11.89 -12.42
CA SER B 155 21.61 -13.34 -12.51
C SER B 155 21.66 -13.81 -13.95
N LEU B 156 20.98 -13.10 -14.86
CA LEU B 156 21.04 -13.44 -16.27
C LEU B 156 22.45 -13.23 -16.83
N LYS B 157 23.07 -12.11 -16.48
CA LYS B 157 24.44 -11.84 -16.93
C LYS B 157 25.38 -12.94 -16.47
N GLU B 158 25.13 -13.52 -15.29
CA GLU B 158 26.02 -14.52 -14.73
C GLU B 158 25.75 -15.90 -15.34
N ASN B 159 24.48 -16.31 -15.39
CA ASN B 159 24.14 -17.62 -15.92
C ASN B 159 24.50 -17.76 -17.39
N GLY B 160 24.40 -16.66 -18.15
CA GLY B 160 24.74 -16.68 -19.56
C GLY B 160 26.15 -16.26 -19.88
N LYS B 161 26.93 -15.87 -18.87
CA LYS B 161 28.29 -15.36 -19.06
C LYS B 161 28.32 -14.20 -20.04
N PHE B 162 27.28 -13.36 -19.98
CA PHE B 162 27.13 -12.26 -20.91
C PHE B 162 28.02 -11.09 -20.51
N VAL B 163 28.42 -10.30 -21.51
CA VAL B 163 29.26 -9.15 -21.26
C VAL B 163 28.43 -7.94 -20.88
N ASP B 164 27.17 -7.89 -21.33
CA ASP B 164 26.27 -6.80 -20.99
C ASP B 164 24.83 -7.29 -21.11
N VAL B 165 23.96 -6.74 -20.26
CA VAL B 165 22.53 -7.00 -20.33
C VAL B 165 21.82 -5.66 -20.17
N THR B 166 21.01 -5.30 -21.16
CA THR B 166 20.34 -4.00 -21.19
C THR B 166 18.85 -4.21 -21.38
N ALA B 167 18.04 -3.55 -20.55
CA ALA B 167 16.59 -3.65 -20.67
C ALA B 167 16.12 -2.94 -21.93
N THR B 168 15.14 -3.54 -22.61
CA THR B 168 14.58 -2.97 -23.82
C THR B 168 13.16 -2.46 -23.64
N THR B 169 12.51 -2.75 -22.52
CA THR B 169 11.21 -2.19 -22.20
C THR B 169 11.20 -1.78 -20.72
N LYS B 170 10.30 -0.86 -20.41
CA LYS B 170 10.13 -0.40 -19.04
C LYS B 170 8.91 -1.06 -18.41
N GLY B 171 8.97 -1.23 -17.09
CA GLY B 171 7.88 -1.91 -16.39
C GLY B 171 6.56 -1.19 -16.50
N ASP B 172 6.59 0.14 -16.65
CA ASP B 172 5.37 0.93 -16.74
C ASP B 172 4.66 0.79 -18.08
N GLU B 173 5.31 0.18 -19.08
CA GLU B 173 4.63 -0.07 -20.35
C GLU B 173 3.46 -1.03 -20.17
N LEU B 174 3.75 -2.27 -19.75
CA LEU B 174 2.71 -3.24 -19.48
C LEU B 174 1.99 -3.00 -18.17
N ASN B 175 2.62 -2.29 -17.24
CA ASN B 175 2.13 -2.17 -15.86
C ASN B 175 2.23 -0.71 -15.42
N PRO B 176 1.43 0.16 -16.02
CA PRO B 176 1.48 1.58 -15.64
C PRO B 176 0.94 1.79 -14.23
N PRO B 177 1.65 2.56 -13.42
CA PRO B 177 1.19 2.79 -12.04
C PRO B 177 -0.08 3.60 -12.02
N PRO B 178 -1.02 3.29 -11.13
CA PRO B 178 -2.23 4.09 -11.04
C PRO B 178 -1.89 5.47 -10.51
N ARG B 179 -2.71 6.45 -10.89
CA ARG B 179 -2.47 7.81 -10.43
C ARG B 179 -2.54 7.89 -8.91
N GLU B 180 -3.41 7.10 -8.29
CA GLU B 180 -3.59 7.13 -6.85
C GLU B 180 -2.33 6.71 -6.08
N GLN B 181 -1.33 6.15 -6.75
CA GLN B 181 -0.10 5.76 -6.06
C GLN B 181 0.74 6.96 -5.65
N THR B 182 0.56 8.11 -6.31
CA THR B 182 1.30 9.32 -5.96
C THR B 182 0.65 10.08 -4.81
N LEU B 183 -0.51 9.63 -4.32
CA LEU B 183 -1.24 10.38 -3.30
C LEU B 183 -0.53 10.34 -1.96
N ILE B 184 0.11 9.23 -1.63
CA ILE B 184 0.78 9.07 -0.34
C ILE B 184 2.22 8.61 -0.58
N PRO B 185 3.22 9.32 -0.06
CA PRO B 185 4.61 8.86 -0.19
C PRO B 185 4.87 7.68 0.74
N ILE B 186 4.95 6.49 0.16
CA ILE B 186 5.35 5.29 0.89
C ILE B 186 6.77 4.95 0.44
N VAL B 187 7.69 4.93 1.40
CA VAL B 187 9.10 4.72 1.07
C VAL B 187 9.32 3.27 0.66
N ARG B 188 9.96 3.08 -0.48
CA ARG B 188 10.20 1.75 -1.02
C ARG B 188 11.68 1.58 -1.30
N LYS B 189 12.15 0.34 -1.13
CA LYS B 189 13.51 0.00 -1.52
C LYS B 189 13.64 0.01 -3.03
N VAL B 190 14.75 0.57 -3.52
CA VAL B 190 15.03 0.65 -4.96
C VAL B 190 16.21 -0.27 -5.26
N ASP B 191 16.07 -1.08 -6.31
CA ASP B 191 17.12 -2.01 -6.71
C ASP B 191 17.09 -2.09 -8.23
N LYS B 192 17.97 -1.30 -8.88
CA LYS B 192 18.02 -1.25 -10.34
C LYS B 192 18.40 -2.58 -10.97
N ASP B 193 18.88 -3.55 -10.19
CA ASP B 193 19.20 -4.86 -10.74
C ASP B 193 17.95 -5.67 -11.06
N LYS B 194 16.81 -5.33 -10.46
CA LYS B 194 15.57 -6.05 -10.65
C LYS B 194 14.72 -5.38 -11.73
N VAL B 195 14.07 -6.20 -12.55
CA VAL B 195 13.15 -5.72 -13.57
C VAL B 195 11.80 -6.41 -13.37
N GLN B 196 10.73 -5.70 -13.70
CA GLN B 196 9.40 -6.22 -13.52
C GLN B 196 9.15 -7.45 -14.38
N HIS B 197 8.18 -8.25 -13.97
CA HIS B 197 7.64 -9.32 -14.79
C HIS B 197 7.17 -8.77 -16.13
N GLY B 198 7.53 -9.47 -17.21
CA GLY B 198 7.17 -9.05 -18.55
C GLY B 198 8.14 -8.10 -19.21
N VAL B 199 9.17 -7.63 -18.49
CA VAL B 199 10.17 -6.75 -19.09
C VAL B 199 11.11 -7.56 -19.96
N LYS B 200 11.48 -7.01 -21.11
CA LYS B 200 12.38 -7.67 -22.05
C LYS B 200 13.77 -7.04 -21.98
N VAL B 201 14.80 -7.87 -22.16
CA VAL B 201 16.18 -7.42 -22.15
C VAL B 201 16.91 -8.07 -23.33
N VAL B 202 18.10 -7.55 -23.61
CA VAL B 202 18.99 -8.06 -24.64
C VAL B 202 20.37 -8.24 -24.03
N ALA B 203 20.99 -9.39 -24.27
CA ALA B 203 22.28 -9.73 -23.71
C ALA B 203 23.32 -9.87 -24.82
N LEU B 204 24.56 -9.54 -24.50
CA LEU B 204 25.65 -9.53 -25.46
C LEU B 204 26.72 -10.55 -25.07
N CYS B 205 27.43 -11.05 -26.09
CA CYS B 205 28.54 -11.97 -25.88
C CYS B 205 29.91 -11.37 -26.17
N LYS B 206 29.97 -10.32 -26.98
CA LYS B 206 31.24 -9.71 -27.40
C LYS B 206 32.17 -10.74 -28.04
N ALA B 214 30.52 -12.18 -33.68
CA ALA B 214 29.43 -11.68 -34.49
C ALA B 214 28.14 -12.45 -34.23
N GLU B 215 27.00 -11.75 -34.36
CA GLU B 215 25.67 -12.33 -34.20
C GLU B 215 25.43 -12.84 -32.77
N GLY B 216 26.23 -12.41 -31.80
CA GLY B 216 26.09 -12.88 -30.44
C GLY B 216 25.16 -12.05 -29.59
N VAL B 217 23.90 -11.94 -30.02
CA VAL B 217 22.88 -11.15 -29.33
C VAL B 217 21.70 -12.07 -29.04
N GLN B 218 21.29 -12.12 -27.77
CA GLN B 218 20.21 -13.00 -27.34
C GLN B 218 19.17 -12.20 -26.57
N GLU B 219 17.90 -12.47 -26.86
CA GLU B 219 16.77 -11.78 -26.25
C GLU B 219 16.17 -12.63 -25.14
N PHE B 220 15.69 -11.95 -24.10
CA PHE B 220 15.14 -12.65 -22.93
C PHE B 220 13.96 -11.86 -22.38
N GLU B 221 13.05 -12.57 -21.74
CA GLU B 221 11.88 -12.00 -21.09
C GLU B 221 11.81 -12.47 -19.66
N CYS B 222 11.45 -11.56 -18.76
CA CYS B 222 11.26 -11.92 -17.35
C CYS B 222 9.88 -12.53 -17.18
N ASP B 223 9.84 -13.79 -16.75
CA ASP B 223 8.59 -14.52 -16.51
C ASP B 223 8.59 -15.01 -15.07
N ASN B 224 7.99 -14.21 -14.18
CA ASN B 224 7.76 -14.59 -12.79
C ASN B 224 9.04 -15.11 -12.13
N GLY B 225 10.07 -14.26 -12.15
CA GLY B 225 11.34 -14.59 -11.52
C GLY B 225 12.28 -15.44 -12.35
N LYS B 226 11.85 -15.88 -13.54
CA LYS B 226 12.69 -16.70 -14.40
C LYS B 226 12.83 -16.04 -15.76
N TRP B 227 14.04 -16.07 -16.30
CA TRP B 227 14.29 -15.56 -17.64
C TRP B 227 13.93 -16.60 -18.68
N LYS B 228 13.26 -16.16 -19.75
CA LYS B 228 12.90 -17.02 -20.86
C LYS B 228 13.47 -16.43 -22.14
N PRO B 229 14.12 -17.23 -22.99
CA PRO B 229 14.38 -18.66 -22.74
C PRO B 229 15.63 -18.89 -21.90
N GLU B 230 16.09 -20.12 -21.82
CA GLU B 230 17.34 -20.38 -21.10
C GLU B 230 18.52 -19.85 -21.91
N PRO B 231 19.50 -19.25 -21.25
CA PRO B 231 20.59 -18.60 -21.99
C PRO B 231 21.57 -19.62 -22.55
N VAL B 232 21.98 -19.38 -23.79
CA VAL B 232 23.11 -20.11 -24.37
C VAL B 232 24.38 -19.41 -23.89
N PRO B 233 25.17 -20.03 -23.02
CA PRO B 233 26.33 -19.33 -22.46
C PRO B 233 27.33 -18.97 -23.57
N CYS B 234 27.90 -17.78 -23.43
CA CYS B 234 28.79 -17.26 -24.47
C CYS B 234 30.04 -18.11 -24.56
N PRO B 235 30.59 -18.29 -25.77
CA PRO B 235 31.86 -19.02 -25.90
C PRO B 235 32.98 -18.30 -25.15
N GLU B 236 34.00 -19.06 -24.80
CA GLU B 236 35.13 -18.51 -24.07
C GLU B 236 35.95 -17.60 -24.97
N PRO B 237 36.13 -16.32 -24.64
CA PRO B 237 36.85 -15.34 -25.46
C PRO B 237 38.31 -15.72 -25.68
C1 EDO C . -10.29 11.37 12.28
O1 EDO C . -11.00 10.79 13.38
C2 EDO C . -10.41 12.89 12.34
O2 EDO C . -10.02 13.44 11.07
CL CL D . -14.87 -6.70 14.28
C1 EDO E . -8.17 20.84 6.89
O1 EDO E . -8.99 20.80 5.72
C2 EDO E . -9.02 20.67 8.14
O2 EDO E . -9.79 19.46 8.03
#